data_6HSA
#
_entry.id   6HSA
#
_cell.length_a   79.476
_cell.length_b   79.476
_cell.length_c   72.033
_cell.angle_alpha   90.000
_cell.angle_beta   90.000
_cell.angle_gamma   120.000
#
_symmetry.space_group_name_H-M   'H 3'
#
loop_
_entity.id
_entity.type
_entity.pdbx_description
1 polymer '3-dehydroquinate dehydratase'
2 non-polymer 2-{2-[2-2-(METHOXY-ETHOXY)-ETHOXY]-ETHOXY}-ETHANOL
3 non-polymer SERINE
4 non-polymer 'SULFATE ION'
5 non-polymer 'CITRATE ANION'
6 non-polymer GLYCEROL
7 water water
#
_entity_poly.entity_id   1
_entity_poly.type   'polypeptide(L)'
_entity_poly.pdbx_seq_one_letter_code
;GSHMKILVINGPNLNFLGIREKNIYGNENYEYLVNMINEYCKSKNIEVECYQSNHEGAIIDKIQEAYFNGTDGIVINPGA
YTHYSYAIRDALASVSHIKKIEVHISNVNEREEFRHISVTEPVCNGQIVGQGLKGYIMAIDMLNS
;
_entity_poly.pdbx_strand_id   A
#
# COMPACT_ATOMS: atom_id res chain seq x y z
N GLY A 1 -0.71 -20.11 5.69
CA GLY A 1 -1.85 -20.91 5.22
C GLY A 1 -1.54 -21.45 3.88
N SER A 2 -2.55 -21.98 3.22
CA SER A 2 -2.31 -22.68 2.00
C SER A 2 -1.92 -21.75 0.86
N HIS A 3 -2.37 -20.49 0.92
CA HIS A 3 -1.97 -19.46 -0.04
CA HIS A 3 -2.06 -19.44 -0.06
C HIS A 3 -1.52 -18.23 0.70
N MET A 4 -0.60 -17.47 0.09
CA MET A 4 -0.16 -16.22 0.71
CA MET A 4 -0.12 -16.18 0.58
C MET A 4 -1.33 -15.28 0.85
N LYS A 5 -1.34 -14.54 1.97
CA LYS A 5 -2.39 -13.60 2.27
C LYS A 5 -1.78 -12.19 2.40
N ILE A 6 -2.29 -11.30 1.55
CA ILE A 6 -1.81 -9.91 1.50
C ILE A 6 -2.98 -8.96 1.77
N LEU A 7 -2.65 -7.91 2.53
CA LEU A 7 -3.55 -6.78 2.74
C LEU A 7 -2.93 -5.57 2.03
N VAL A 8 -3.73 -4.92 1.18
CA VAL A 8 -3.33 -3.66 0.55
C VAL A 8 -4.11 -2.54 1.25
N ILE A 9 -3.36 -1.63 1.89
CA ILE A 9 -3.93 -0.45 2.53
C ILE A 9 -3.60 0.78 1.70
N ASN A 10 -4.66 1.51 1.33
CA ASN A 10 -4.52 2.84 0.76
C ASN A 10 -5.08 3.84 1.76
N GLY A 11 -4.27 4.88 1.99
CA GLY A 11 -4.60 5.90 2.95
C GLY A 11 -5.42 7.04 2.38
N PRO A 12 -5.37 8.21 3.02
CA PRO A 12 -6.33 9.26 2.73
C PRO A 12 -6.18 9.72 1.28
N ASN A 13 -7.35 10.07 0.71
CA ASN A 13 -7.46 10.68 -0.60
C ASN A 13 -7.24 9.71 -1.77
N LEU A 14 -6.79 8.46 -1.51
CA LEU A 14 -6.50 7.55 -2.61
C LEU A 14 -7.76 6.99 -3.26
N ASN A 15 -8.89 7.04 -2.52
CA ASN A 15 -10.17 6.73 -3.16
C ASN A 15 -10.57 7.77 -4.22
N PHE A 16 -9.88 8.90 -4.30
CA PHE A 16 -10.13 9.93 -5.30
C PHE A 16 -9.15 9.86 -6.46
N LEU A 17 -8.47 8.73 -6.66
CA LEU A 17 -7.78 8.53 -7.93
C LEU A 17 -8.73 8.77 -9.10
N GLY A 18 -8.25 9.33 -10.18
CA GLY A 18 -9.07 9.65 -11.34
C GLY A 18 -9.63 11.07 -11.26
N ILE A 19 -10.18 11.41 -10.09
CA ILE A 19 -10.68 12.73 -9.79
C ILE A 19 -9.51 13.68 -9.55
N ARG A 20 -8.50 13.21 -8.86
CA ARG A 20 -7.21 13.90 -8.74
C ARG A 20 -6.41 14.00 -10.04
N GLU A 21 -5.38 14.85 -10.02
CA GLU A 21 -4.68 15.26 -11.23
CA GLU A 21 -4.67 15.27 -11.21
C GLU A 21 -4.13 14.05 -11.99
N LYS A 22 -4.60 13.89 -13.20
CA LYS A 22 -4.29 12.70 -14.00
C LYS A 22 -2.86 12.69 -14.43
N ASN A 23 -2.24 13.86 -14.63
CA ASN A 23 -0.86 13.92 -15.00
C ASN A 23 0.09 13.56 -13.85
N ILE A 24 -0.45 13.53 -12.60
CA ILE A 24 0.32 13.07 -11.46
C ILE A 24 -0.03 11.63 -11.21
N TYR A 25 -1.34 11.35 -11.06
CA TYR A 25 -1.82 10.07 -10.55
C TYR A 25 -2.35 9.09 -11.61
N GLY A 26 -2.36 9.46 -12.89
CA GLY A 26 -2.82 8.60 -13.95
C GLY A 26 -4.31 8.76 -14.22
N ASN A 27 -4.78 8.10 -15.27
CA ASN A 27 -6.13 8.33 -15.78
C ASN A 27 -7.20 7.53 -15.05
N GLU A 28 -6.82 6.49 -14.36
CA GLU A 28 -7.72 5.49 -13.86
C GLU A 28 -8.07 5.74 -12.41
N ASN A 29 -9.24 5.22 -12.02
CA ASN A 29 -9.80 5.48 -10.70
C ASN A 29 -9.47 4.36 -9.70
N TYR A 30 -9.96 4.57 -8.47
CA TYR A 30 -9.65 3.65 -7.38
C TYR A 30 -10.23 2.25 -7.64
N GLU A 31 -11.44 2.19 -8.18
CA GLU A 31 -12.05 0.92 -8.53
CA GLU A 31 -12.01 0.87 -8.45
C GLU A 31 -11.16 0.16 -9.51
N TYR A 32 -10.59 0.87 -10.48
CA TYR A 32 -9.70 0.26 -11.45
C TYR A 32 -8.49 -0.36 -10.75
N LEU A 33 -7.90 0.39 -9.82
CA LEU A 33 -6.75 -0.12 -9.08
C LEU A 33 -7.11 -1.40 -8.32
N VAL A 34 -8.23 -1.37 -7.60
CA VAL A 34 -8.66 -2.54 -6.84
C VAL A 34 -8.83 -3.73 -7.76
N ASN A 35 -9.53 -3.53 -8.89
CA ASN A 35 -9.74 -4.63 -9.81
CA ASN A 35 -9.73 -4.64 -9.80
C ASN A 35 -8.41 -5.18 -10.35
N MET A 36 -7.47 -4.28 -10.68
CA MET A 36 -6.17 -4.68 -11.18
CA MET A 36 -6.21 -4.75 -11.21
C MET A 36 -5.44 -5.57 -10.17
N ILE A 37 -5.46 -5.13 -8.91
CA ILE A 37 -4.83 -5.91 -7.84
C ILE A 37 -5.54 -7.26 -7.66
N ASN A 38 -6.86 -7.24 -7.60
CA ASN A 38 -7.59 -8.48 -7.41
C ASN A 38 -7.30 -9.48 -8.54
N GLU A 39 -7.29 -9.00 -9.78
CA GLU A 39 -7.10 -9.91 -10.90
C GLU A 39 -5.68 -10.47 -10.88
N TYR A 40 -4.70 -9.62 -10.55
CA TYR A 40 -3.34 -10.08 -10.54
C TYR A 40 -3.16 -11.15 -9.46
N CYS A 41 -3.67 -10.87 -8.26
CA CYS A 41 -3.52 -11.82 -7.19
C CYS A 41 -4.24 -13.14 -7.49
N LYS A 42 -5.42 -13.07 -8.12
CA LYS A 42 -6.08 -14.31 -8.49
C LYS A 42 -5.19 -15.12 -9.43
N SER A 43 -4.54 -14.45 -10.38
CA SER A 43 -3.68 -15.14 -11.35
C SER A 43 -2.46 -15.79 -10.70
N LYS A 44 -2.07 -15.32 -9.51
CA LYS A 44 -0.93 -15.80 -8.76
C LYS A 44 -1.31 -16.67 -7.57
N ASN A 45 -2.59 -17.00 -7.41
CA ASN A 45 -3.09 -17.77 -6.25
C ASN A 45 -2.69 -17.10 -4.93
N ILE A 46 -2.84 -15.78 -4.89
CA ILE A 46 -2.62 -14.98 -3.70
C ILE A 46 -3.96 -14.49 -3.18
N GLU A 47 -4.24 -14.63 -1.89
CA GLU A 47 -5.42 -14.07 -1.24
CA GLU A 47 -5.45 -14.04 -1.34
C GLU A 47 -5.13 -12.60 -0.99
N VAL A 48 -6.02 -11.69 -1.41
CA VAL A 48 -5.79 -10.26 -1.19
C VAL A 48 -7.07 -9.59 -0.72
N GLU A 49 -6.91 -8.58 0.14
CA GLU A 49 -7.95 -7.65 0.51
C GLU A 49 -7.41 -6.25 0.23
N CYS A 50 -8.20 -5.43 -0.47
CA CYS A 50 -7.91 -4.03 -0.68
C CYS A 50 -8.78 -3.22 0.29
N TYR A 51 -8.14 -2.36 1.06
CA TYR A 51 -8.78 -1.53 2.07
C TYR A 51 -8.36 -0.08 1.85
N GLN A 52 -9.28 0.86 2.03
CA GLN A 52 -8.91 2.27 1.98
C GLN A 52 -9.63 2.99 3.11
N SER A 53 -8.95 3.96 3.71
CA SER A 53 -9.58 4.86 4.67
C SER A 53 -8.85 6.18 4.68
N ASN A 54 -9.62 7.23 5.01
CA ASN A 54 -9.04 8.54 5.25
C ASN A 54 -8.62 8.74 6.71
N HIS A 55 -8.95 7.77 7.58
CA HIS A 55 -8.73 7.95 9.01
C HIS A 55 -7.43 7.27 9.45
N GLU A 56 -6.54 8.05 10.04
CA GLU A 56 -5.28 7.52 10.54
C GLU A 56 -5.54 6.37 11.52
N GLY A 57 -6.50 6.55 12.45
CA GLY A 57 -6.76 5.53 13.41
C GLY A 57 -7.34 4.25 12.84
N ALA A 58 -8.15 4.37 11.77
CA ALA A 58 -8.68 3.18 11.11
C ALA A 58 -7.59 2.40 10.42
N ILE A 59 -6.61 3.10 9.82
CA ILE A 59 -5.47 2.43 9.22
C ILE A 59 -4.71 1.63 10.29
N ILE A 60 -4.47 2.26 11.45
CA ILE A 60 -3.80 1.56 12.54
C ILE A 60 -4.63 0.36 12.99
N ASP A 61 -5.95 0.53 13.15
CA ASP A 61 -6.80 -0.59 13.52
C ASP A 61 -6.63 -1.74 12.52
N LYS A 62 -6.60 -1.42 11.23
CA LYS A 62 -6.53 -2.44 10.20
C LYS A 62 -5.20 -3.19 10.22
N ILE A 63 -4.11 -2.46 10.48
CA ILE A 63 -2.81 -3.08 10.64
C ILE A 63 -2.81 -4.04 11.83
N GLN A 64 -3.40 -3.59 12.94
CA GLN A 64 -3.50 -4.47 14.13
C GLN A 64 -4.35 -5.72 13.85
N GLU A 65 -5.44 -5.54 13.11
CA GLU A 65 -6.29 -6.70 12.81
CA GLU A 65 -6.31 -6.68 12.74
C GLU A 65 -5.49 -7.73 11.98
N ALA A 66 -4.57 -7.25 11.14
CA ALA A 66 -3.76 -8.15 10.33
C ALA A 66 -2.86 -9.06 11.17
N TYR A 67 -2.48 -8.62 12.37
CA TYR A 67 -1.73 -9.47 13.29
C TYR A 67 -2.47 -10.74 13.62
N PHE A 68 -3.77 -10.63 13.83
CA PHE A 68 -4.56 -11.74 14.37
C PHE A 68 -5.13 -12.66 13.30
N ASN A 69 -5.17 -12.24 12.04
CA ASN A 69 -5.89 -12.94 11.00
C ASN A 69 -5.04 -13.61 9.94
N GLY A 70 -3.79 -13.88 10.22
CA GLY A 70 -2.97 -14.66 9.28
C GLY A 70 -2.38 -13.88 8.17
N THR A 71 -2.41 -12.55 8.22
CA THR A 71 -1.85 -11.82 7.10
C THR A 71 -0.34 -12.02 7.04
N ASP A 72 0.16 -12.32 5.83
CA ASP A 72 1.60 -12.52 5.63
C ASP A 72 2.32 -11.22 5.27
N GLY A 73 1.64 -10.36 4.48
CA GLY A 73 2.26 -9.17 3.95
C GLY A 73 1.26 -8.04 3.82
N ILE A 74 1.78 -6.82 3.98
CA ILE A 74 1.03 -5.59 3.79
C ILE A 74 1.72 -4.77 2.71
N VAL A 75 0.91 -4.30 1.77
CA VAL A 75 1.31 -3.25 0.83
C VAL A 75 0.58 -2.00 1.31
N ILE A 76 1.31 -0.91 1.57
CA ILE A 76 0.65 0.27 2.11
C ILE A 76 1.13 1.52 1.37
N ASN A 77 0.15 2.30 0.92
CA ASN A 77 0.38 3.67 0.47
C ASN A 77 -0.29 4.54 1.52
N PRO A 78 0.45 5.11 2.48
CA PRO A 78 -0.18 5.87 3.55
C PRO A 78 -0.73 7.23 3.11
N GLY A 79 -0.61 7.59 1.84
CA GLY A 79 -1.06 8.92 1.43
C GLY A 79 -0.25 9.98 2.15
N ALA A 80 -0.85 11.16 2.41
CA ALA A 80 -0.05 12.21 3.02
C ALA A 80 0.44 11.84 4.41
N TYR A 81 -0.23 10.89 5.10
CA TYR A 81 0.24 10.42 6.39
C TYR A 81 1.67 9.89 6.36
N THR A 82 2.14 9.48 5.17
CA THR A 82 3.52 9.04 5.00
C THR A 82 4.51 9.99 5.67
N HIS A 83 4.23 11.31 5.59
CA HIS A 83 5.24 12.28 5.95
C HIS A 83 5.17 12.71 7.42
N TYR A 84 4.16 12.28 8.16
CA TYR A 84 4.02 12.76 9.53
C TYR A 84 3.45 11.74 10.51
N SER A 85 2.85 10.63 10.06
CA SER A 85 2.19 9.72 10.99
C SER A 85 3.17 8.75 11.63
N TYR A 86 3.79 9.22 12.72
CA TYR A 86 4.57 8.30 13.55
C TYR A 86 3.69 7.25 14.18
N ALA A 87 2.38 7.50 14.32
CA ALA A 87 1.48 6.48 14.85
C ALA A 87 1.32 5.30 13.88
N ILE A 88 1.18 5.57 12.57
CA ILE A 88 1.14 4.47 11.60
C ILE A 88 2.50 3.78 11.55
N ARG A 89 3.59 4.55 11.63
CA ARG A 89 4.91 3.92 11.69
C ARG A 89 4.98 2.91 12.84
N ASP A 90 4.59 3.34 14.04
CA ASP A 90 4.67 2.44 15.18
C ASP A 90 3.73 1.22 14.98
N ALA A 91 2.58 1.41 14.35
CA ALA A 91 1.71 0.27 14.07
C ALA A 91 2.40 -0.73 13.17
N LEU A 92 3.01 -0.24 12.08
CA LEU A 92 3.71 -1.13 11.15
C LEU A 92 4.85 -1.85 11.88
N ALA A 93 5.58 -1.14 12.74
CA ALA A 93 6.67 -1.75 13.48
C ALA A 93 6.17 -2.79 14.47
N SER A 94 4.95 -2.64 14.98
CA SER A 94 4.41 -3.52 16.00
C SER A 94 4.08 -4.92 15.46
N VAL A 95 3.90 -5.04 14.14
CA VAL A 95 3.59 -6.30 13.50
C VAL A 95 4.86 -6.84 12.87
N SER A 96 5.74 -7.33 13.76
CA SER A 96 7.09 -7.67 13.40
C SER A 96 7.23 -8.92 12.54
N HIS A 97 6.17 -9.70 12.43
CA HIS A 97 6.16 -10.92 11.62
C HIS A 97 5.39 -10.74 10.33
N ILE A 98 5.00 -9.51 9.98
CA ILE A 98 4.31 -9.22 8.76
C ILE A 98 5.26 -8.42 7.88
N LYS A 99 5.54 -8.91 6.67
CA LYS A 99 6.41 -8.18 5.74
CA LYS A 99 6.39 -8.16 5.76
C LYS A 99 5.60 -6.99 5.19
N LYS A 100 6.27 -5.87 4.98
CA LYS A 100 5.61 -4.61 4.61
C LYS A 100 6.33 -3.93 3.48
N ILE A 101 5.60 -3.52 2.47
CA ILE A 101 6.13 -2.73 1.37
C ILE A 101 5.34 -1.42 1.28
N GLU A 102 6.05 -0.30 1.31
CA GLU A 102 5.43 1.03 1.10
C GLU A 102 5.41 1.32 -0.39
N VAL A 103 4.27 1.85 -0.87
CA VAL A 103 4.10 2.24 -2.27
C VAL A 103 3.70 3.71 -2.35
N HIS A 104 4.27 4.37 -3.37
CA HIS A 104 3.75 5.66 -3.82
C HIS A 104 3.60 5.60 -5.33
N ILE A 105 2.51 6.15 -5.83
CA ILE A 105 2.22 6.14 -7.27
C ILE A 105 3.20 7.03 -8.05
N SER A 106 3.37 8.23 -7.54
CA SER A 106 4.20 9.25 -8.14
C SER A 106 5.63 9.14 -7.61
N ASN A 107 6.52 9.89 -8.27
CA ASN A 107 7.90 9.98 -7.78
C ASN A 107 7.93 11.06 -6.71
N VAL A 108 7.71 10.66 -5.46
CA VAL A 108 7.62 11.57 -4.35
C VAL A 108 8.93 12.33 -4.13
N ASN A 109 10.05 11.80 -4.61
CA ASN A 109 11.33 12.51 -4.48
C ASN A 109 11.36 13.83 -5.24
N GLU A 110 10.51 13.97 -6.27
CA GLU A 110 10.47 15.11 -7.15
C GLU A 110 9.17 15.88 -7.06
N ARG A 111 8.38 15.61 -6.02
CA ARG A 111 7.10 16.25 -5.63
CA ARG A 111 7.30 16.60 -5.92
C ARG A 111 7.47 17.55 -4.78
N GLU A 112 6.43 18.08 -4.13
CA GLU A 112 6.63 19.14 -3.17
C GLU A 112 7.63 18.68 -2.09
N GLU A 113 8.34 19.65 -1.53
CA GLU A 113 9.32 19.35 -0.50
C GLU A 113 8.75 18.55 0.67
N PHE A 114 7.49 18.79 1.06
CA PHE A 114 6.95 18.10 2.22
C PHE A 114 6.78 16.62 1.95
N ARG A 115 6.79 16.19 0.69
CA ARG A 115 6.64 14.77 0.35
C ARG A 115 7.97 14.03 0.30
N HIS A 116 9.12 14.71 0.51
CA HIS A 116 10.40 14.06 0.24
C HIS A 116 10.80 13.03 1.27
N ILE A 117 10.31 13.14 2.50
CA ILE A 117 10.70 12.24 3.57
C ILE A 117 9.49 11.43 4.04
N SER A 118 9.70 10.13 4.14
CA SER A 118 8.69 9.20 4.67
C SER A 118 9.09 8.80 6.07
N VAL A 119 8.19 8.98 7.03
CA VAL A 119 8.42 8.52 8.40
C VAL A 119 7.97 7.10 8.61
N THR A 120 7.21 6.53 7.65
CA THR A 120 6.79 5.14 7.73
C THR A 120 7.81 4.18 7.07
N GLU A 121 8.52 4.67 6.04
CA GLU A 121 9.37 3.76 5.29
CA GLU A 121 9.51 3.89 5.27
C GLU A 121 10.47 3.11 6.16
N PRO A 122 11.03 3.77 7.18
CA PRO A 122 12.13 3.11 7.90
C PRO A 122 11.78 1.83 8.61
N VAL A 123 10.49 1.57 8.84
CA VAL A 123 10.07 0.34 9.47
C VAL A 123 9.48 -0.65 8.50
N CYS A 124 9.48 -0.33 7.20
CA CYS A 124 9.02 -1.24 6.18
C CYS A 124 10.18 -2.03 5.60
N ASN A 125 9.85 -3.20 5.08
CA ASN A 125 10.86 -4.08 4.49
C ASN A 125 11.29 -3.58 3.13
N GLY A 126 10.46 -2.84 2.46
CA GLY A 126 10.78 -2.31 1.16
C GLY A 126 9.88 -1.12 0.79
N GLN A 127 10.14 -0.78 -0.42
N GLN A 127 10.25 -0.15 -0.20
CA GLN A 127 9.34 0.29 -0.92
CA GLN A 127 9.52 1.06 -0.73
C GLN A 127 9.49 0.34 -2.43
C GLN A 127 9.66 1.20 -2.27
N ILE A 128 8.49 1.03 -3.00
N ILE A 128 8.53 1.10 -3.05
CA ILE A 128 8.46 1.36 -4.42
CA ILE A 128 8.54 1.19 -4.53
C ILE A 128 7.79 2.67 -4.65
C ILE A 128 7.74 2.43 -4.87
N VAL A 129 8.36 3.45 -5.55
CA VAL A 129 7.73 4.68 -5.89
C VAL A 129 7.83 4.95 -7.37
N GLY A 130 6.97 5.84 -7.87
CA GLY A 130 7.18 6.41 -9.20
C GLY A 130 6.91 5.52 -10.37
N GLN A 131 6.17 4.42 -10.14
CA GLN A 131 5.88 3.45 -11.18
C GLN A 131 4.44 3.51 -11.63
N GLY A 132 3.65 4.47 -11.13
CA GLY A 132 2.24 4.48 -11.42
C GLY A 132 1.54 3.38 -10.63
N LEU A 133 0.34 3.02 -11.10
CA LEU A 133 -0.42 1.97 -10.42
C LEU A 133 0.31 0.65 -10.41
N LYS A 134 1.17 0.41 -11.41
CA LYS A 134 1.87 -0.87 -11.41
CA LYS A 134 2.00 -0.79 -11.49
C LYS A 134 2.82 -1.01 -10.22
N GLY A 135 3.14 0.07 -9.51
CA GLY A 135 3.89 -0.09 -8.27
C GLY A 135 3.24 -1.02 -7.27
N TYR A 136 1.90 -1.06 -7.25
CA TYR A 136 1.24 -1.97 -6.32
C TYR A 136 1.51 -3.45 -6.70
N ILE A 137 1.54 -3.72 -8.01
CA ILE A 137 1.85 -5.05 -8.51
C ILE A 137 3.28 -5.42 -8.17
N MET A 138 4.20 -4.46 -8.40
CA MET A 138 5.58 -4.70 -8.04
C MET A 138 5.76 -4.98 -6.54
N ALA A 139 4.98 -4.28 -5.70
CA ALA A 139 5.03 -4.52 -4.27
C ALA A 139 4.55 -5.93 -3.92
N ILE A 140 3.47 -6.35 -4.57
CA ILE A 140 2.99 -7.73 -4.39
C ILE A 140 4.08 -8.72 -4.77
N ASP A 141 4.78 -8.47 -5.89
CA ASP A 141 5.84 -9.36 -6.31
C ASP A 141 6.96 -9.38 -5.29
N MET A 142 7.30 -8.23 -4.66
CA MET A 142 8.30 -8.23 -3.62
CA MET A 142 8.30 -8.20 -3.63
C MET A 142 7.86 -9.14 -2.47
N LEU A 143 6.60 -9.04 -2.06
CA LEU A 143 6.12 -9.89 -0.97
C LEU A 143 6.10 -11.38 -1.35
N ASN A 144 5.80 -11.68 -2.61
CA ASN A 144 5.64 -13.03 -3.12
C ASN A 144 6.97 -13.64 -3.59
N SER A 145 8.10 -12.98 -3.33
CA SER A 145 9.42 -13.40 -3.79
C SER A 145 10.09 -14.24 -2.71
#